data_7L3Y
#
_entry.id   7L3Y
#
_cell.length_a   39.845
_cell.length_b   46.982
_cell.length_c   78.034
_cell.angle_alpha   90.000
_cell.angle_beta   90.000
_cell.angle_gamma   90.000
#
_symmetry.space_group_name_H-M   'P 21 21 21'
#
loop_
_entity.id
_entity.type
_entity.pdbx_description
1 polymer Myoglobin
2 non-polymer 'PROTOPORPHYRIN IX CONTAINING FE'
3 non-polymer 'PEROXIDE ION'
4 non-polymer 'CHLORIDE ION'
5 water water
#
_entity_poly.entity_id   1
_entity_poly.type   'polypeptide(L)'
_entity_poly.pdbx_seq_one_letter_code
;MVLSEGEWQLVLHVWAKVEADVAGHGQDIHIRLFKSHPETLEKHDRFKHLKTEAEMKASEDLKKHGVTVLTALGAILKKK
GHHEAELKPLAQSHATKHKIPIKYLEFESEAIIHVLHSRHPGDFGADAQGAMNKALELFRKDIAAKYKELGYQG
;
_entity_poly.pdbx_strand_id   A
#
loop_
_chem_comp.id
_chem_comp.type
_chem_comp.name
_chem_comp.formula
CL non-polymer 'CHLORIDE ION' 'Cl -1'
HEM non-polymer 'PROTOPORPHYRIN IX CONTAINING FE' 'C34 H32 Fe N4 O4'
PER non-polymer 'PEROXIDE ION' 'O2 -2'
#
# COMPACT_ATOMS: atom_id res chain seq x y z
N VAL A 2 -19.24 -1.10 -2.70
CA VAL A 2 -19.12 0.01 -3.65
C VAL A 2 -18.91 1.35 -2.95
N LEU A 3 -18.02 2.16 -3.50
CA LEU A 3 -17.84 3.53 -3.04
C LEU A 3 -18.73 4.49 -3.84
N SER A 4 -19.25 5.50 -3.16
CA SER A 4 -19.91 6.58 -3.89
C SER A 4 -18.88 7.44 -4.61
N GLU A 5 -19.35 8.29 -5.53
CA GLU A 5 -18.44 9.23 -6.17
C GLU A 5 -17.82 10.17 -5.15
N GLY A 6 -18.60 10.64 -4.17
CA GLY A 6 -18.04 11.47 -3.13
C GLY A 6 -16.97 10.76 -2.33
N GLU A 7 -17.16 9.47 -2.05
CA GLU A 7 -16.11 8.72 -1.35
C GLU A 7 -14.85 8.61 -2.18
N TRP A 8 -14.99 8.34 -3.49
CA TRP A 8 -13.80 8.34 -4.33
C TRP A 8 -13.13 9.71 -4.31
N GLN A 9 -13.91 10.80 -4.30
CA GLN A 9 -13.30 12.12 -4.28
C GLN A 9 -12.49 12.33 -3.01
N LEU A 10 -12.96 11.80 -1.88
CA LEU A 10 -12.19 11.91 -0.65
C LEU A 10 -10.89 11.12 -0.73
N VAL A 11 -10.96 9.93 -1.31
CA VAL A 11 -9.76 9.12 -1.51
C VAL A 11 -8.75 9.87 -2.37
N LEU A 12 -9.22 10.43 -3.49
CA LEU A 12 -8.30 11.09 -4.39
C LEU A 12 -7.83 12.45 -3.87
N HIS A 13 -8.60 13.09 -3.00
CA HIS A 13 -8.16 14.33 -2.35
C HIS A 13 -6.96 14.08 -1.44
N VAL A 14 -7.07 13.07 -0.55
CA VAL A 14 -5.89 12.80 0.27
C VAL A 14 -4.75 12.23 -0.56
N TRP A 15 -5.05 11.45 -1.61
CA TRP A 15 -3.94 10.93 -2.42
C TRP A 15 -3.15 12.02 -3.08
N ALA A 16 -3.78 13.13 -3.45
CA ALA A 16 -3.00 14.23 -4.00
C ALA A 16 -1.98 14.73 -3.00
N LYS A 17 -2.31 14.69 -1.72
CA LYS A 17 -1.34 15.05 -0.68
C LYS A 17 -0.19 14.06 -0.62
N VAL A 18 -0.48 12.75 -0.74
CA VAL A 18 0.58 11.74 -0.79
C VAL A 18 1.52 12.06 -1.95
N GLU A 19 0.93 12.47 -3.07
CA GLU A 19 1.74 12.73 -4.26
C GLU A 19 2.68 13.92 -4.13
N ALA A 20 2.51 14.75 -3.11
CA ALA A 20 3.47 15.82 -2.89
C ALA A 20 4.79 15.31 -2.37
N ASP A 21 4.81 14.10 -1.83
CA ASP A 21 6.05 13.48 -1.34
C ASP A 21 5.88 11.97 -1.34
N VAL A 22 5.85 11.36 -2.53
CA VAL A 22 5.58 9.92 -2.58
C VAL A 22 6.67 9.17 -1.85
N ALA A 23 7.92 9.58 -2.06
CA ALA A 23 9.03 8.87 -1.44
C ALA A 23 8.93 8.88 0.08
N GLY A 24 8.70 10.07 0.66
CA GLY A 24 8.66 10.14 2.11
C GLY A 24 7.48 9.38 2.73
N HIS A 25 6.31 9.47 2.10
CA HIS A 25 5.19 8.67 2.56
C HIS A 25 5.53 7.19 2.48
N GLY A 26 6.16 6.76 1.38
CA GLY A 26 6.48 5.35 1.27
C GLY A 26 7.44 4.88 2.35
N GLN A 27 8.46 5.69 2.64
CA GLN A 27 9.39 5.36 3.71
C GLN A 27 8.67 5.20 5.03
N ASP A 28 7.81 6.17 5.36
CA ASP A 28 7.10 6.12 6.64
C ASP A 28 6.21 4.90 6.71
N ILE A 29 5.56 4.57 5.60
CA ILE A 29 4.67 3.43 5.54
C ILE A 29 5.46 2.15 5.82
N HIS A 30 6.61 1.98 5.14
N HIS A 30 6.58 1.99 5.12
CA HIS A 30 7.33 0.73 5.32
CA HIS A 30 7.42 0.80 5.27
C HIS A 30 7.98 0.65 6.69
C HIS A 30 7.92 0.68 6.68
N ILE A 31 8.46 1.77 7.22
CA ILE A 31 9.01 1.74 8.56
C ILE A 31 7.95 1.33 9.56
N ARG A 32 6.73 1.87 9.41
CA ARG A 32 5.62 1.52 10.28
C ARG A 32 5.22 0.05 10.12
N LEU A 33 5.14 -0.41 8.87
CA LEU A 33 4.76 -1.80 8.60
C LEU A 33 5.76 -2.75 9.24
N PHE A 34 7.05 -2.53 9.00
CA PHE A 34 8.04 -3.48 9.49
C PHE A 34 8.14 -3.48 11.02
N LYS A 35 7.88 -2.33 11.65
CA LYS A 35 7.88 -2.30 13.12
C LYS A 35 6.63 -2.97 13.69
N SER A 36 5.47 -2.72 13.08
CA SER A 36 4.21 -3.23 13.61
C SER A 36 4.04 -4.71 13.35
N HIS A 37 4.57 -5.21 12.22
CA HIS A 37 4.35 -6.60 11.80
C HIS A 37 5.68 -7.09 11.25
N PRO A 38 6.60 -7.49 12.14
CA PRO A 38 7.98 -7.76 11.71
C PRO A 38 8.09 -8.89 10.73
N GLU A 39 7.12 -9.82 10.69
CA GLU A 39 7.20 -10.87 9.70
C GLU A 39 7.23 -10.34 8.27
N THR A 40 6.70 -9.13 8.04
CA THR A 40 6.65 -8.61 6.69
C THR A 40 8.03 -8.28 6.14
N LEU A 41 8.96 -7.86 7.01
CA LEU A 41 10.30 -7.51 6.53
C LEU A 41 10.99 -8.73 5.96
N GLU A 42 10.60 -9.93 6.43
CA GLU A 42 11.25 -11.16 5.98
C GLU A 42 11.00 -11.43 4.50
N LYS A 43 10.00 -10.80 3.89
CA LYS A 43 9.73 -10.93 2.47
C LYS A 43 10.63 -10.07 1.61
N HIS A 44 11.48 -9.25 2.22
CA HIS A 44 12.31 -8.26 1.50
C HIS A 44 13.78 -8.58 1.72
N ASP A 45 14.34 -9.44 0.86
CA ASP A 45 15.72 -9.88 1.07
C ASP A 45 16.72 -8.74 1.23
N ARG A 46 16.61 -7.73 0.39
CA ARG A 46 17.60 -6.66 0.38
C ARG A 46 17.38 -5.61 1.44
N PHE A 47 16.30 -5.71 2.26
CA PHE A 47 16.08 -4.71 3.28
C PHE A 47 16.39 -5.24 4.66
N LYS A 48 16.74 -6.52 4.79
CA LYS A 48 16.85 -7.13 6.12
C LYS A 48 18.03 -6.58 6.91
N HIS A 49 19.06 -6.09 6.23
CA HIS A 49 20.21 -5.52 6.92
C HIS A 49 20.01 -4.09 7.37
N LEU A 50 18.86 -3.49 7.07
CA LEU A 50 18.57 -2.12 7.48
C LEU A 50 17.97 -2.22 8.87
N LYS A 51 18.85 -2.24 9.87
CA LYS A 51 18.44 -2.68 11.19
C LYS A 51 17.91 -1.57 12.08
N THR A 52 18.08 -0.30 11.70
CA THR A 52 17.61 0.84 12.47
C THR A 52 16.81 1.78 11.57
N GLU A 53 16.03 2.66 12.19
CA GLU A 53 15.22 3.61 11.43
C GLU A 53 16.05 4.50 10.50
N ALA A 54 17.18 5.01 11.00
CA ALA A 54 17.99 5.89 10.17
C ALA A 54 18.53 5.15 8.95
N GLU A 55 18.88 3.86 9.10
CA GLU A 55 19.31 3.08 7.95
C GLU A 55 18.17 2.91 6.95
N MET A 56 16.96 2.65 7.46
CA MET A 56 15.83 2.54 6.55
CA MET A 56 15.80 2.55 6.57
C MET A 56 15.57 3.84 5.81
N LYS A 57 15.66 4.99 6.49
CA LYS A 57 15.43 6.26 5.82
C LYS A 57 16.49 6.60 4.79
N ALA A 58 17.74 6.18 5.03
CA ALA A 58 18.84 6.50 4.13
C ALA A 58 18.92 5.56 2.94
N SER A 59 18.17 4.46 2.94
CA SER A 59 18.28 3.47 1.87
C SER A 59 17.60 3.95 0.61
N GLU A 60 18.39 4.19 -0.44
CA GLU A 60 17.82 4.54 -1.74
CA GLU A 60 17.78 4.55 -1.72
C GLU A 60 16.98 3.40 -2.29
N ASP A 61 17.43 2.17 -2.07
CA ASP A 61 16.69 1.01 -2.56
CA ASP A 61 16.66 1.07 -2.60
C ASP A 61 15.29 0.99 -1.95
N LEU A 62 15.20 1.15 -0.62
CA LEU A 62 13.89 1.15 0.02
C LEU A 62 13.06 2.35 -0.41
N LYS A 63 13.70 3.50 -0.54
CA LYS A 63 12.99 4.71 -0.94
C LYS A 63 12.36 4.54 -2.32
N LYS A 64 13.14 4.06 -3.27
CA LYS A 64 12.65 3.82 -4.62
C LYS A 64 11.54 2.78 -4.62
N HIS A 65 11.68 1.73 -3.79
CA HIS A 65 10.64 0.72 -3.74
C HIS A 65 9.30 1.32 -3.28
N GLY A 66 9.33 2.18 -2.27
CA GLY A 66 8.11 2.80 -1.82
C GLY A 66 7.43 3.63 -2.88
N VAL A 67 8.20 4.32 -3.72
CA VAL A 67 7.60 5.04 -4.84
C VAL A 67 6.97 4.08 -5.83
N THR A 68 7.64 2.98 -6.15
CA THR A 68 7.04 1.99 -7.05
C THR A 68 5.73 1.49 -6.49
N VAL A 69 5.69 1.16 -5.19
CA VAL A 69 4.48 0.62 -4.59
C VAL A 69 3.36 1.65 -4.63
N LEU A 70 3.65 2.85 -4.17
CA LEU A 70 2.59 3.85 -4.05
C LEU A 70 2.12 4.33 -5.41
N THR A 71 3.01 4.36 -6.40
CA THR A 71 2.58 4.74 -7.74
C THR A 71 1.58 3.74 -8.30
N ALA A 72 1.87 2.43 -8.14
CA ALA A 72 0.93 1.43 -8.60
C ALA A 72 -0.38 1.56 -7.84
N LEU A 73 -0.33 1.75 -6.52
CA LEU A 73 -1.58 1.87 -5.77
C LEU A 73 -2.35 3.11 -6.20
N GLY A 74 -1.66 4.24 -6.36
CA GLY A 74 -2.35 5.45 -6.76
C GLY A 74 -3.03 5.32 -8.10
N ALA A 75 -2.38 4.63 -9.05
CA ALA A 75 -2.99 4.41 -10.36
C ALA A 75 -4.25 3.57 -10.24
N ILE A 76 -4.22 2.56 -9.37
CA ILE A 76 -5.40 1.74 -9.13
C ILE A 76 -6.50 2.58 -8.51
N LEU A 77 -6.19 3.37 -7.48
CA LEU A 77 -7.20 4.20 -6.82
C LEU A 77 -7.86 5.17 -7.81
N LYS A 78 -7.08 5.75 -8.72
CA LYS A 78 -7.64 6.71 -9.67
C LYS A 78 -8.60 6.06 -10.65
N LYS A 79 -8.56 4.72 -10.78
CA LYS A 79 -9.53 4.04 -11.62
C LYS A 79 -10.86 3.84 -10.93
N LYS A 80 -10.97 4.17 -9.64
CA LYS A 80 -12.25 4.18 -8.96
C LYS A 80 -12.97 2.83 -9.11
N GLY A 81 -12.23 1.73 -8.87
CA GLY A 81 -12.79 0.39 -8.92
C GLY A 81 -12.66 -0.31 -10.26
N HIS A 82 -12.45 0.44 -11.34
CA HIS A 82 -12.35 -0.16 -12.68
C HIS A 82 -10.90 -0.48 -13.00
N HIS A 83 -10.39 -1.46 -12.27
CA HIS A 83 -8.95 -1.61 -12.12
C HIS A 83 -8.43 -3.01 -12.46
N GLU A 84 -9.23 -3.86 -13.15
CA GLU A 84 -8.72 -5.21 -13.47
C GLU A 84 -7.39 -5.17 -14.23
N ALA A 85 -7.26 -4.28 -15.23
CA ALA A 85 -6.05 -4.28 -16.04
C ALA A 85 -4.82 -3.93 -15.21
N GLU A 86 -4.98 -3.01 -14.25
CA GLU A 86 -3.90 -2.59 -13.40
C GLU A 86 -3.62 -3.59 -12.30
N LEU A 87 -4.65 -4.29 -11.84
CA LEU A 87 -4.49 -5.22 -10.75
C LEU A 87 -3.85 -6.55 -11.18
N LYS A 88 -4.14 -7.04 -12.39
CA LYS A 88 -3.69 -8.39 -12.75
C LYS A 88 -2.19 -8.57 -12.64
N PRO A 89 -1.35 -7.67 -13.14
CA PRO A 89 0.08 -7.92 -13.01
C PRO A 89 0.55 -7.94 -11.59
N LEU A 90 -0.08 -7.14 -10.75
CA LEU A 90 0.31 -7.11 -9.34
C LEU A 90 -0.07 -8.42 -8.66
N ALA A 91 -1.28 -8.92 -8.93
CA ALA A 91 -1.63 -10.24 -8.40
C ALA A 91 -0.68 -11.31 -8.93
N GLN A 92 -0.32 -11.23 -10.22
CA GLN A 92 0.59 -12.23 -10.77
C GLN A 92 1.92 -12.26 -10.01
N SER A 93 2.56 -11.12 -9.84
CA SER A 93 3.88 -11.14 -9.21
C SER A 93 3.76 -11.46 -7.73
N HIS A 94 2.72 -10.91 -7.06
CA HIS A 94 2.64 -11.08 -5.61
C HIS A 94 2.21 -12.47 -5.21
N ALA A 95 1.39 -13.13 -6.05
CA ALA A 95 1.00 -14.50 -5.79
C ALA A 95 2.12 -15.46 -6.15
N THR A 96 2.76 -15.27 -7.31
CA THR A 96 3.60 -16.34 -7.84
C THR A 96 5.09 -16.12 -7.61
N LYS A 97 5.55 -14.88 -7.48
CA LYS A 97 6.96 -14.59 -7.26
C LYS A 97 7.25 -14.20 -5.81
N HIS A 98 6.60 -13.15 -5.31
CA HIS A 98 6.95 -12.61 -4.00
C HIS A 98 6.29 -13.40 -2.89
N LYS A 99 5.16 -14.04 -3.18
CA LYS A 99 4.42 -14.88 -2.23
C LYS A 99 3.95 -14.10 -1.01
N ILE A 100 3.08 -13.13 -1.30
CA ILE A 100 2.61 -12.21 -0.26
C ILE A 100 1.19 -12.60 0.15
N PRO A 101 0.95 -13.08 1.37
CA PRO A 101 -0.43 -13.37 1.78
C PRO A 101 -1.28 -12.10 1.79
N ILE A 102 -2.60 -12.26 1.60
CA ILE A 102 -3.50 -11.11 1.64
C ILE A 102 -3.42 -10.42 2.99
N LYS A 103 -3.23 -11.20 4.07
CA LYS A 103 -3.09 -10.56 5.38
C LYS A 103 -1.94 -9.56 5.40
N TYR A 104 -0.85 -9.81 4.64
CA TYR A 104 0.23 -8.84 4.62
C TYR A 104 -0.19 -7.58 3.89
N LEU A 105 -1.06 -7.70 2.88
CA LEU A 105 -1.61 -6.51 2.23
C LEU A 105 -2.49 -5.73 3.20
N GLU A 106 -3.20 -6.44 4.10
CA GLU A 106 -3.93 -5.77 5.18
C GLU A 106 -2.98 -5.03 6.12
N PHE A 107 -1.89 -5.69 6.50
CA PHE A 107 -0.90 -4.99 7.35
C PHE A 107 -0.40 -3.72 6.65
N GLU A 108 -0.09 -3.80 5.36
CA GLU A 108 0.42 -2.62 4.67
C GLU A 108 -0.65 -1.56 4.61
N SER A 109 -1.91 -1.97 4.41
CA SER A 109 -3.03 -1.02 4.41
C SER A 109 -3.13 -0.29 5.75
N GLU A 110 -2.96 -1.02 6.86
CA GLU A 110 -3.00 -0.38 8.17
C GLU A 110 -1.93 0.68 8.27
N ALA A 111 -0.75 0.39 7.76
CA ALA A 111 0.35 1.35 7.79
C ALA A 111 0.05 2.56 6.94
N ILE A 112 -0.55 2.34 5.75
CA ILE A 112 -0.95 3.46 4.90
C ILE A 112 -1.90 4.37 5.64
N ILE A 113 -2.94 3.81 6.25
CA ILE A 113 -3.93 4.62 6.98
CA ILE A 113 -3.91 4.64 6.95
C ILE A 113 -3.26 5.36 8.12
N HIS A 114 -2.37 4.69 8.84
CA HIS A 114 -1.69 5.35 9.96
C HIS A 114 -0.88 6.58 9.49
N VAL A 115 -0.09 6.41 8.42
CA VAL A 115 0.74 7.51 7.94
C VAL A 115 -0.14 8.62 7.39
N LEU A 116 -1.20 8.27 6.65
CA LEU A 116 -2.05 9.33 6.10
CA LEU A 116 -2.07 9.33 6.11
C LEU A 116 -2.65 10.17 7.22
N HIS A 117 -3.08 9.53 8.32
CA HIS A 117 -3.66 10.28 9.40
C HIS A 117 -2.62 11.08 10.15
N SER A 118 -1.42 10.52 10.31
CA SER A 118 -0.32 11.20 11.00
C SER A 118 0.11 12.45 10.26
N ARG A 119 0.15 12.39 8.93
CA ARG A 119 0.61 13.53 8.15
C ARG A 119 -0.51 14.51 7.80
N HIS A 120 -1.74 14.02 7.57
CA HIS A 120 -2.80 14.84 6.99
C HIS A 120 -4.09 14.78 7.79
N PRO A 121 -4.05 14.97 9.12
CA PRO A 121 -5.28 14.75 9.89
C PRO A 121 -6.42 15.63 9.42
N GLY A 122 -6.13 16.85 9.02
CA GLY A 122 -7.10 17.79 8.55
C GLY A 122 -7.75 17.41 7.26
N ASP A 123 -7.13 16.50 6.49
CA ASP A 123 -7.68 16.02 5.22
C ASP A 123 -7.95 14.50 5.25
N PHE A 124 -8.03 13.96 6.44
CA PHE A 124 -8.23 12.53 6.62
C PHE A 124 -9.09 12.27 7.85
N GLY A 125 -10.23 12.96 7.90
CA GLY A 125 -11.27 12.76 8.89
C GLY A 125 -12.03 11.46 8.67
N ALA A 126 -13.14 11.34 9.42
CA ALA A 126 -13.87 10.07 9.49
C ALA A 126 -14.39 9.62 8.12
N ASP A 127 -15.01 10.53 7.37
CA ASP A 127 -15.58 10.11 6.09
C ASP A 127 -14.46 9.70 5.13
N ALA A 128 -13.34 10.41 5.13
CA ALA A 128 -12.22 10.09 4.26
C ALA A 128 -11.55 8.78 4.69
N GLN A 129 -11.45 8.54 6.01
CA GLN A 129 -10.94 7.26 6.50
C GLN A 129 -11.83 6.11 6.06
N GLY A 130 -13.14 6.27 6.19
CA GLY A 130 -14.05 5.20 5.78
C GLY A 130 -13.95 4.94 4.29
N ALA A 131 -13.85 6.01 3.49
CA ALA A 131 -13.69 5.87 2.05
C ALA A 131 -12.40 5.14 1.70
N MET A 132 -11.30 5.52 2.32
CA MET A 132 -10.04 4.86 2.01
C MET A 132 -10.10 3.40 2.45
N ASN A 133 -10.70 3.10 3.62
CA ASN A 133 -10.86 1.71 4.03
C ASN A 133 -11.65 0.91 3.01
N LYS A 134 -12.74 1.48 2.48
CA LYS A 134 -13.51 0.78 1.46
C LYS A 134 -12.70 0.56 0.19
N ALA A 135 -11.94 1.58 -0.23
CA ALA A 135 -11.16 1.45 -1.46
C ALA A 135 -10.08 0.39 -1.32
N LEU A 136 -9.43 0.34 -0.17
CA LEU A 136 -8.36 -0.62 0.04
C LEU A 136 -8.92 -2.03 0.25
N GLU A 137 -10.09 -2.17 0.88
CA GLU A 137 -10.80 -3.45 0.90
C GLU A 137 -11.16 -3.95 -0.48
N LEU A 138 -11.64 -3.07 -1.36
CA LEU A 138 -11.99 -3.51 -2.70
C LEU A 138 -10.76 -3.99 -3.45
N PHE A 139 -9.68 -3.22 -3.36
CA PHE A 139 -8.40 -3.62 -3.90
C PHE A 139 -7.99 -4.99 -3.42
N ARG A 140 -8.02 -5.21 -2.10
CA ARG A 140 -7.59 -6.49 -1.55
C ARG A 140 -8.53 -7.64 -1.91
N LYS A 141 -9.85 -7.38 -1.92
CA LYS A 141 -10.79 -8.43 -2.31
C LYS A 141 -10.54 -8.86 -3.74
N ASP A 142 -10.31 -7.88 -4.61
CA ASP A 142 -10.10 -8.21 -6.02
C ASP A 142 -8.77 -8.91 -6.24
N ILE A 143 -7.74 -8.49 -5.51
CA ILE A 143 -6.44 -9.19 -5.57
CA ILE A 143 -6.48 -9.20 -5.64
C ILE A 143 -6.60 -10.62 -5.08
N ALA A 144 -7.36 -10.80 -4.01
CA ALA A 144 -7.53 -12.14 -3.44
C ALA A 144 -8.24 -13.08 -4.43
N ALA A 145 -9.21 -12.55 -5.16
CA ALA A 145 -9.88 -13.35 -6.18
C ALA A 145 -8.92 -13.71 -7.32
N LYS A 146 -8.06 -12.77 -7.71
CA LYS A 146 -7.06 -13.05 -8.74
C LYS A 146 -6.02 -14.06 -8.26
N TYR A 147 -5.62 -13.98 -7.00
CA TYR A 147 -4.73 -14.99 -6.45
C TYR A 147 -5.30 -16.38 -6.68
N LYS A 148 -6.58 -16.58 -6.33
CA LYS A 148 -7.17 -17.90 -6.47
C LYS A 148 -7.27 -18.32 -7.93
N GLU A 149 -7.62 -17.39 -8.81
CA GLU A 149 -7.69 -17.72 -10.23
CA GLU A 149 -7.68 -17.68 -10.24
C GLU A 149 -6.36 -18.22 -10.76
N LEU A 150 -5.25 -17.76 -10.19
CA LEU A 150 -3.90 -18.17 -10.58
C LEU A 150 -3.45 -19.41 -9.85
N GLY A 151 -4.27 -19.95 -8.95
CA GLY A 151 -3.87 -21.13 -8.20
C GLY A 151 -3.18 -20.88 -6.89
N TYR A 152 -3.22 -19.67 -6.34
CA TYR A 152 -2.51 -19.36 -5.10
C TYR A 152 -3.56 -19.03 -4.05
N GLN A 153 -3.41 -19.65 -2.89
CA GLN A 153 -4.30 -19.39 -1.78
C GLN A 153 -3.54 -18.35 -0.95
N GLY A 154 -3.97 -17.12 -1.06
CA GLY A 154 -3.31 -16.05 -0.35
C GLY A 154 -3.78 -15.89 1.07
CHA HEM B . 7.28 -5.43 -5.65
CHB HEM B . 3.13 -2.98 -5.34
CHC HEM B . 2.38 -4.85 -0.92
CHD HEM B . 6.49 -7.39 -1.29
C1A HEM B . 6.23 -4.58 -5.94
C2A HEM B . 6.11 -3.87 -7.18
C3A HEM B . 4.93 -3.16 -7.08
C4A HEM B . 4.34 -3.48 -5.81
CMA HEM B . 4.33 -2.26 -8.11
CAA HEM B . 7.08 -3.88 -8.36
CBA HEM B . 6.58 -4.80 -9.50
CGA HEM B . 6.23 -6.19 -8.99
O1A HEM B . 5.02 -6.49 -8.80
O2A HEM B . 7.17 -6.98 -8.73
C1B HEM B . 2.54 -3.29 -4.11
C2B HEM B . 1.32 -2.71 -3.63
C3B HEM B . 1.10 -3.23 -2.40
C4B HEM B . 2.23 -4.13 -2.11
CMB HEM B . 0.51 -1.72 -4.42
CAB HEM B . 0.02 -2.93 -1.47
CBB HEM B . -0.58 -1.74 -1.33
C1C HEM B . 3.44 -5.70 -0.64
C2C HEM B . 3.62 -6.28 0.67
C3C HEM B . 4.81 -7.01 0.56
C4C HEM B . 5.31 -6.84 -0.77
CMC HEM B . 2.75 -6.18 1.85
CAC HEM B . 5.55 -7.79 1.59
CBC HEM B . 5.38 -7.84 2.92
C1D HEM B . 7.05 -7.07 -2.54
C2D HEM B . 8.34 -7.56 -2.99
C3D HEM B . 8.57 -6.98 -4.19
C4D HEM B . 7.39 -6.19 -4.49
CMD HEM B . 9.21 -8.51 -2.19
CAD HEM B . 9.82 -7.12 -5.06
CBD HEM B . 10.73 -5.92 -4.71
CGD HEM B . 12.09 -5.94 -5.33
O1D HEM B . 12.75 -6.99 -5.37
O2D HEM B . 12.61 -4.87 -5.80
NA HEM B . 5.15 -4.35 -5.12
NB HEM B . 3.06 -4.12 -3.18
NC HEM B . 4.47 -6.02 -1.45
ND HEM B . 6.51 -6.22 -3.46
FE HEM B . 4.72 -5.33 -3.39
O1 PER C . 5.67 -3.98 -2.46
O2 PER C . 6.47 -4.20 -1.29
CL CL D . -9.74 1.26 -7.64
#